data_8UIH
#
_entry.id   8UIH
#
_cell.length_a   79.958
_cell.length_b   73.115
_cell.length_c   88.071
_cell.angle_alpha   90.000
_cell.angle_beta   111.244
_cell.angle_gamma   90.000
#
_symmetry.space_group_name_H-M   'C 1 2 1'
#
loop_
_entity.id
_entity.type
_entity.pdbx_description
1 polymer 'hSC44.ck.20 Fab heavy chain'
2 polymer 'hSC44.ck.20 Fab light chain'
3 polymer '3ptza peptide'
4 non-polymer 1,2-ETHANEDIOL
5 water water
#
loop_
_entity_poly.entity_id
_entity_poly.type
_entity_poly.pdbx_seq_one_letter_code
_entity_poly.pdbx_strand_id
1 'polypeptide(L)'
;EVQLVESGGGLVQPGGSLRLSCTASGFSIDSYGFSWVRQAPGKGLEHIGYLTAGGRAFYASWAKSRSTITRNTNENTVTL
KMNSLRAEDTAVYYCAKLGTGSRFAIWGQGTLVTVSSASTKGPSVFPLAPSSKSTSGGTAALGCLVKDYFPEPVTVSWNS
GALTSGVHTFPAVLQSSGLYSLSSVVTVPSSSLGTQTYICNVNHKPSNTKVDKKVEPKSCDKTHT
;
H
2 'polypeptide(L)'
;DIQMTQSPSSLSASVGDRVTITCRASQSVWRNKNVAWYQQKPGKAPKRLIYAIASLYSGVPSRFSGSGSGTDFTLTISSL
QPEDFATYYCVGHYGSENDAYYAFGQGTKVEIKRTVAAPSVFIFPPSDEQLKSGTASVVCLLNNFYPREAKVSWYVDNAL
QSGNSQESVTEQDSKDSTYSLSSTLTLSKADYEKHKVYACEVTQGTTSVTKSFNRGEC
;
L
3 'polypeptide(L)' AGAG(UKD)AGAG D
#
loop_
_chem_comp.id
_chem_comp.type
_chem_comp.name
_chem_comp.formula
EDO non-polymer 1,2-ETHANEDIOL 'C2 H6 O2'
#
# COMPACT_ATOMS: atom_id res chain seq x y z
N GLU A 1 23.71 -8.27 6.43
CA GLU A 1 23.50 -8.70 5.06
C GLU A 1 23.59 -7.50 4.11
N VAL A 2 23.51 -7.78 2.80
CA VAL A 2 23.45 -6.69 1.84
C VAL A 2 22.22 -5.86 2.10
N GLN A 3 22.34 -4.55 1.90
CA GLN A 3 21.20 -3.66 2.07
C GLN A 3 21.33 -2.51 1.09
N LEU A 4 20.19 -1.90 0.79
CA LEU A 4 20.12 -0.82 -0.20
C LEU A 4 19.15 0.20 0.39
N VAL A 5 19.69 1.25 1.00
CA VAL A 5 18.90 2.18 1.80
C VAL A 5 18.62 3.42 0.96
N GLU A 6 17.33 3.74 0.81
CA GLU A 6 16.87 4.83 -0.02
C GLU A 6 16.64 6.08 0.82
N SER A 7 16.86 7.23 0.21
CA SER A 7 16.66 8.50 0.90
C SER A 7 16.36 9.58 -0.12
N GLY A 8 15.85 10.71 0.37
CA GLY A 8 15.51 11.81 -0.51
C GLY A 8 14.14 12.38 -0.21
N GLY A 9 13.94 13.64 -0.57
CA GLY A 9 12.74 14.34 -0.16
C GLY A 9 11.47 13.69 -0.67
N GLY A 10 10.42 13.78 0.13
CA GLY A 10 9.13 13.23 -0.22
C GLY A 10 8.20 14.22 -0.87
N LEU A 11 8.23 15.48 -0.41
CA LEU A 11 7.34 16.52 -0.91
C LEU A 11 8.11 17.44 -1.85
N VAL A 12 7.62 17.60 -3.08
CA VAL A 12 8.27 18.42 -4.10
C VAL A 12 7.19 19.26 -4.77
N GLN A 13 7.54 20.53 -5.13
CA GLN A 13 6.51 21.39 -5.69
C GLN A 13 6.38 21.20 -7.20
N PRO A 14 5.19 21.38 -7.76
CA PRO A 14 5.05 21.34 -9.22
C PRO A 14 6.04 22.28 -9.87
N GLY A 15 6.60 21.84 -11.00
CA GLY A 15 7.65 22.57 -11.69
C GLY A 15 9.03 22.41 -11.11
N GLY A 16 9.16 21.79 -9.93
CA GLY A 16 10.45 21.57 -9.31
C GLY A 16 11.05 20.24 -9.69
N SER A 17 12.04 19.83 -8.90
CA SER A 17 12.82 18.63 -9.16
C SER A 17 12.81 17.72 -7.95
N LEU A 18 12.85 16.41 -8.19
CA LEU A 18 13.09 15.44 -7.15
C LEU A 18 14.53 14.96 -7.23
N ARG A 19 15.06 14.54 -6.09
CA ARG A 19 16.42 14.01 -6.00
C ARG A 19 16.41 12.89 -4.98
N LEU A 20 16.58 11.64 -5.44
CA LEU A 20 16.59 10.48 -4.59
C LEU A 20 17.95 9.78 -4.72
N SER A 21 18.38 9.16 -3.63
CA SER A 21 19.64 8.42 -3.61
C SER A 21 19.44 7.09 -2.92
N CYS A 22 20.31 6.15 -3.24
CA CYS A 22 20.36 4.85 -2.59
C CYS A 22 21.79 4.52 -2.25
N THR A 23 22.02 4.14 -1.00
CA THR A 23 23.35 3.84 -0.49
C THR A 23 23.43 2.34 -0.24
N ALA A 24 24.42 1.69 -0.84
CA ALA A 24 24.62 0.26 -0.68
C ALA A 24 25.46 -0.04 0.55
N SER A 25 25.20 -1.20 1.15
CA SER A 25 25.99 -1.68 2.28
C SER A 25 26.19 -3.19 2.11
N GLY A 26 27.43 -3.64 2.21
CA GLY A 26 27.77 -5.03 1.99
C GLY A 26 28.15 -5.38 0.58
N PHE A 27 28.23 -4.40 -0.31
CA PHE A 27 28.64 -4.62 -1.70
C PHE A 27 28.87 -3.24 -2.31
N SER A 28 29.21 -3.24 -3.60
CA SER A 28 29.58 -2.02 -4.31
C SER A 28 28.59 -1.73 -5.42
N ILE A 29 28.10 -0.49 -5.48
CA ILE A 29 27.21 -0.10 -6.57
C ILE A 29 27.98 0.07 -7.87
N ASP A 30 29.26 0.44 -7.80
CA ASP A 30 30.03 0.67 -9.02
C ASP A 30 30.37 -0.62 -9.76
N SER A 31 29.96 -1.78 -9.25
CA SER A 31 30.26 -3.05 -9.87
C SER A 31 29.02 -3.80 -10.33
N TYR A 32 27.84 -3.18 -10.26
CA TYR A 32 26.60 -3.79 -10.72
C TYR A 32 25.74 -2.75 -11.42
N GLY A 33 24.74 -3.24 -12.15
CA GLY A 33 23.77 -2.37 -12.79
C GLY A 33 22.56 -2.20 -11.91
N PHE A 34 22.02 -0.98 -11.86
CA PHE A 34 20.90 -0.64 -11.01
C PHE A 34 19.87 0.17 -11.79
N SER A 35 18.61 -0.15 -11.58
CA SER A 35 17.49 0.54 -12.19
C SER A 35 16.84 1.48 -11.19
N TRP A 36 16.10 2.44 -11.72
CA TRP A 36 15.13 3.22 -10.95
C TRP A 36 13.74 2.88 -11.49
N VAL A 37 12.81 2.63 -10.58
N VAL A 37 12.81 2.60 -10.59
CA VAL A 37 11.44 2.21 -10.90
CA VAL A 37 11.44 2.26 -10.95
C VAL A 37 10.49 3.02 -10.04
C VAL A 37 10.51 3.06 -10.06
N ARG A 38 9.34 3.37 -10.59
CA ARG A 38 8.33 4.11 -9.85
C ARG A 38 6.97 3.46 -10.03
N GLN A 39 6.09 3.73 -9.08
CA GLN A 39 4.74 3.16 -9.07
C GLN A 39 3.80 4.22 -8.52
N ALA A 40 2.93 4.74 -9.38
CA ALA A 40 1.94 5.70 -8.92
C ALA A 40 0.92 4.99 -8.02
N PRO A 41 0.32 5.71 -7.08
CA PRO A 41 -0.61 5.06 -6.15
C PRO A 41 -1.69 4.26 -6.88
N GLY A 42 -1.78 2.98 -6.56
CA GLY A 42 -2.77 2.11 -7.15
C GLY A 42 -2.50 1.67 -8.57
N LYS A 43 -1.35 2.01 -9.15
CA LYS A 43 -1.03 1.72 -10.54
C LYS A 43 0.09 0.69 -10.63
N GLY A 44 0.63 0.50 -11.84
CA GLY A 44 1.64 -0.50 -12.08
C GLY A 44 3.05 0.02 -11.93
N LEU A 45 4.00 -0.88 -12.14
CA LEU A 45 5.41 -0.55 -12.06
C LEU A 45 5.90 0.00 -13.40
N GLU A 46 6.72 1.04 -13.33
CA GLU A 46 7.23 1.73 -14.51
C GLU A 46 8.74 1.87 -14.39
N HIS A 47 9.46 1.40 -15.41
CA HIS A 47 10.92 1.49 -15.40
C HIS A 47 11.33 2.87 -15.91
N ILE A 48 12.22 3.53 -15.16
CA ILE A 48 12.67 4.88 -15.50
C ILE A 48 13.97 4.83 -16.30
N GLY A 49 15.01 4.24 -15.72
CA GLY A 49 16.30 4.15 -16.38
C GLY A 49 17.18 3.15 -15.69
N TYR A 50 18.28 2.81 -16.37
CA TYR A 50 19.21 1.79 -15.94
C TYR A 50 20.62 2.34 -16.02
N LEU A 51 21.41 2.11 -14.98
CA LEU A 51 22.81 2.52 -14.95
C LEU A 51 23.66 1.25 -14.90
N THR A 52 24.29 0.92 -16.02
CA THR A 52 25.02 -0.33 -16.12
C THR A 52 26.14 -0.38 -15.07
N ALA A 53 26.69 -1.58 -14.88
CA ALA A 53 27.85 -1.70 -14.00
C ALA A 53 29.01 -0.86 -14.51
N GLY A 54 29.09 -0.63 -15.82
CA GLY A 54 30.11 0.20 -16.40
C GLY A 54 29.88 1.69 -16.28
N GLY A 55 28.73 2.10 -15.75
CA GLY A 55 28.46 3.50 -15.52
C GLY A 55 27.73 4.22 -16.63
N ARG A 56 27.18 3.49 -17.60
CA ARG A 56 26.41 4.11 -18.67
C ARG A 56 24.92 4.09 -18.32
N ALA A 57 24.25 5.21 -18.59
CA ALA A 57 22.85 5.38 -18.26
C ALA A 57 22.00 5.29 -19.52
N PHE A 58 20.96 4.48 -19.47
CA PHE A 58 19.97 4.37 -20.54
C PHE A 58 18.59 4.61 -19.95
N TYR A 59 17.78 5.43 -20.62
CA TYR A 59 16.51 5.88 -20.09
C TYR A 59 15.38 5.41 -20.99
N ALA A 60 14.25 5.04 -20.38
CA ALA A 60 13.03 4.82 -21.13
C ALA A 60 12.65 6.11 -21.86
N SER A 61 12.01 5.95 -23.03
CA SER A 61 11.74 7.09 -23.89
C SER A 61 11.05 8.22 -23.12
N TRP A 62 10.01 7.88 -22.34
CA TRP A 62 9.22 8.91 -21.69
C TRP A 62 10.03 9.72 -20.68
N ALA A 63 11.06 9.11 -20.09
CA ALA A 63 11.81 9.73 -19.02
C ALA A 63 13.07 10.46 -19.49
N LYS A 64 13.51 10.21 -20.73
CA LYS A 64 14.85 10.65 -21.12
C LYS A 64 15.03 12.15 -20.96
N SER A 65 14.02 12.94 -21.35
CA SER A 65 14.20 14.39 -21.42
C SER A 65 14.17 15.07 -20.06
N ARG A 66 13.77 14.39 -18.99
CA ARG A 66 13.70 14.99 -17.67
C ARG A 66 14.52 14.28 -16.61
N SER A 67 15.10 13.13 -16.91
CA SER A 67 15.71 12.27 -15.91
C SER A 67 17.23 12.24 -16.07
N THR A 68 17.91 12.08 -14.94
CA THR A 68 19.36 11.90 -14.92
C THR A 68 19.69 10.90 -13.83
N ILE A 69 20.34 9.80 -14.19
CA ILE A 69 20.76 8.78 -13.24
C ILE A 69 22.29 8.79 -13.21
N THR A 70 22.85 8.90 -12.01
CA THR A 70 24.29 8.98 -11.83
C THR A 70 24.67 8.09 -10.65
N ARG A 71 25.96 8.03 -10.36
CA ARG A 71 26.45 7.27 -9.22
C ARG A 71 27.69 7.93 -8.67
N ASN A 72 27.88 7.79 -7.37
CA ASN A 72 29.04 8.32 -6.65
C ASN A 72 29.81 7.11 -6.13
N THR A 73 30.91 6.78 -6.82
CA THR A 73 31.68 5.60 -6.45
C THR A 73 32.31 5.75 -5.07
N ASN A 74 32.72 6.96 -4.71
CA ASN A 74 33.28 7.17 -3.37
C ASN A 74 32.22 6.98 -2.29
N GLU A 75 31.02 7.54 -2.51
CA GLU A 75 29.95 7.43 -1.54
C GLU A 75 29.26 6.06 -1.58
N ASN A 76 29.46 5.28 -2.64
CA ASN A 76 28.78 4.00 -2.80
C ASN A 76 27.28 4.22 -2.92
N THR A 77 26.88 5.16 -3.77
CA THR A 77 25.49 5.54 -3.94
C THR A 77 25.13 5.60 -5.42
N VAL A 78 23.84 5.47 -5.69
CA VAL A 78 23.26 5.77 -6.99
C VAL A 78 22.14 6.76 -6.76
N THR A 79 21.90 7.62 -7.75
CA THR A 79 21.03 8.78 -7.57
C THR A 79 20.17 9.01 -8.80
N LEU A 80 18.93 9.41 -8.55
CA LEU A 80 17.99 9.78 -9.61
C LEU A 80 17.58 11.24 -9.41
N LYS A 81 17.53 11.98 -10.52
CA LYS A 81 17.06 13.36 -10.51
C LYS A 81 16.09 13.54 -11.65
N MET A 82 14.92 14.11 -11.36
CA MET A 82 13.92 14.42 -12.37
C MET A 82 13.40 15.83 -12.13
N ASN A 83 13.33 16.62 -13.20
CA ASN A 83 12.92 18.02 -13.12
C ASN A 83 11.58 18.22 -13.83
N SER A 84 11.06 19.44 -13.71
CA SER A 84 9.80 19.81 -14.34
C SER A 84 8.68 18.84 -13.96
N LEU A 85 8.52 18.63 -12.66
CA LEU A 85 7.57 17.62 -12.18
C LEU A 85 6.13 18.15 -12.24
N ARG A 86 5.20 17.21 -12.41
CA ARG A 86 3.78 17.50 -12.36
C ARG A 86 3.08 16.47 -11.50
N ALA A 87 1.83 16.75 -11.13
CA ALA A 87 1.08 15.84 -10.28
C ALA A 87 1.18 14.40 -10.79
N GLU A 88 1.30 14.21 -12.10
CA GLU A 88 1.39 12.86 -12.67
C GLU A 88 2.63 12.12 -12.21
N ASP A 89 3.62 12.81 -11.70
CA ASP A 89 4.88 12.22 -11.26
C ASP A 89 4.83 11.74 -9.82
N THR A 90 3.75 12.00 -9.09
CA THR A 90 3.61 11.46 -7.75
C THR A 90 3.62 9.94 -7.80
N ALA A 91 4.53 9.33 -7.04
CA ALA A 91 4.67 7.88 -7.07
C ALA A 91 5.66 7.47 -5.98
N VAL A 92 5.70 6.17 -5.71
CA VAL A 92 6.73 5.57 -4.87
C VAL A 92 7.88 5.22 -5.80
N TYR A 93 9.07 5.73 -5.50
CA TYR A 93 10.27 5.52 -6.32
C TYR A 93 11.16 4.50 -5.64
N TYR A 94 11.65 3.52 -6.41
CA TYR A 94 12.54 2.50 -5.89
C TYR A 94 13.83 2.48 -6.69
N CYS A 95 14.93 2.16 -6.00
CA CYS A 95 16.15 1.73 -6.64
C CYS A 95 16.22 0.21 -6.55
N ALA A 96 16.70 -0.45 -7.61
CA ALA A 96 16.65 -1.89 -7.62
C ALA A 96 17.59 -2.47 -8.67
N LYS A 97 18.34 -3.49 -8.27
CA LYS A 97 18.93 -4.42 -9.22
C LYS A 97 17.88 -5.50 -9.47
N LEU A 98 17.24 -5.46 -10.64
CA LEU A 98 16.03 -6.25 -10.83
C LEU A 98 16.27 -7.75 -10.91
N GLY A 99 17.48 -8.18 -11.26
CA GLY A 99 17.78 -9.59 -11.28
C GLY A 99 16.89 -10.39 -12.22
N THR A 100 16.79 -9.93 -13.47
CA THR A 100 15.97 -10.64 -14.44
C THR A 100 16.62 -11.93 -14.91
N GLY A 101 17.96 -11.97 -14.96
CA GLY A 101 18.67 -13.13 -15.43
C GLY A 101 19.73 -13.64 -14.47
N SER A 102 19.96 -12.91 -13.39
CA SER A 102 20.96 -13.25 -12.40
C SER A 102 20.28 -13.64 -11.09
N ARG A 103 21.06 -14.25 -10.20
CA ARG A 103 20.53 -14.65 -8.91
C ARG A 103 20.51 -13.51 -7.91
N PHE A 104 21.31 -12.46 -8.12
CA PHE A 104 21.39 -11.35 -7.19
C PHE A 104 20.35 -10.30 -7.55
N ALA A 105 19.39 -10.07 -6.64
CA ALA A 105 18.38 -9.04 -6.79
C ALA A 105 18.23 -8.33 -5.45
N ILE A 106 18.12 -7.00 -5.51
CA ILE A 106 18.01 -6.18 -4.30
C ILE A 106 17.20 -4.93 -4.64
N TRP A 107 16.28 -4.57 -3.73
CA TRP A 107 15.43 -3.39 -3.88
C TRP A 107 15.58 -2.49 -2.65
N GLY A 108 15.63 -1.19 -2.89
CA GLY A 108 15.44 -0.24 -1.80
C GLY A 108 14.05 -0.33 -1.22
N GLN A 109 13.84 0.32 -0.08
CA GLN A 109 12.57 0.18 0.61
C GLN A 109 11.44 0.96 -0.06
N GLY A 110 11.76 1.85 -0.99
CA GLY A 110 10.77 2.67 -1.64
C GLY A 110 10.52 3.98 -0.92
N THR A 111 10.34 5.06 -1.66
CA THR A 111 10.12 6.39 -1.09
C THR A 111 9.00 7.07 -1.87
N LEU A 112 7.96 7.49 -1.17
CA LEU A 112 6.88 8.22 -1.80
C LEU A 112 7.30 9.65 -2.07
N VAL A 113 7.19 10.09 -3.33
CA VAL A 113 7.40 11.48 -3.71
C VAL A 113 6.04 12.05 -4.10
N THR A 114 5.60 13.08 -3.38
CA THR A 114 4.34 13.74 -3.66
C THR A 114 4.62 15.08 -4.33
N VAL A 115 4.01 15.32 -5.48
CA VAL A 115 4.14 16.56 -6.20
C VAL A 115 2.92 17.42 -5.87
N SER A 116 3.14 18.45 -5.04
CA SER A 116 2.07 19.34 -4.62
C SER A 116 2.66 20.64 -4.14
N SER A 117 1.88 21.72 -4.30
CA SER A 117 2.26 23.02 -3.78
C SER A 117 1.80 23.24 -2.34
N ALA A 118 1.10 22.29 -1.75
CA ALA A 118 0.64 22.47 -0.37
C ALA A 118 1.80 22.26 0.59
N SER A 119 1.61 22.72 1.82
CA SER A 119 2.63 22.65 2.85
C SER A 119 2.47 21.39 3.71
N THR A 120 3.57 21.00 4.34
CA THR A 120 3.55 19.88 5.27
C THR A 120 2.74 20.23 6.51
N LYS A 121 2.03 19.25 7.05
CA LYS A 121 1.20 19.44 8.23
C LYS A 121 1.13 18.13 8.99
N GLY A 122 1.51 18.15 10.26
CA GLY A 122 1.50 16.96 11.08
C GLY A 122 0.08 16.58 11.49
N PRO A 123 -0.11 15.32 11.89
CA PRO A 123 -1.45 14.82 12.16
C PRO A 123 -1.94 15.10 13.57
N SER A 124 -3.26 15.11 13.69
CA SER A 124 -3.94 15.00 14.98
C SER A 124 -4.38 13.56 15.15
N VAL A 125 -4.18 13.02 16.35
CA VAL A 125 -4.49 11.62 16.65
C VAL A 125 -5.56 11.59 17.71
N PHE A 126 -6.71 10.99 17.39
CA PHE A 126 -7.81 10.91 18.32
C PHE A 126 -8.14 9.45 18.61
N PRO A 127 -8.58 9.13 19.81
CA PRO A 127 -8.88 7.74 20.14
C PRO A 127 -10.21 7.29 19.53
N LEU A 128 -10.25 6.03 19.10
CA LEU A 128 -11.49 5.32 18.80
C LEU A 128 -11.69 4.36 19.97
N ALA A 129 -12.45 4.80 20.97
CA ALA A 129 -12.40 4.13 22.26
C ALA A 129 -13.40 2.98 22.32
N PRO A 130 -13.03 1.88 22.96
CA PRO A 130 -14.02 0.83 23.26
C PRO A 130 -14.85 1.23 24.48
N SER A 131 -16.13 0.91 24.44
CA SER A 131 -17.00 1.22 25.57
C SER A 131 -16.61 0.37 26.77
N SER A 132 -16.54 1.01 27.94
CA SER A 132 -16.14 0.30 29.15
C SER A 132 -17.00 -0.92 29.41
N LYS A 133 -18.28 -0.86 29.02
CA LYS A 133 -19.19 -1.99 29.14
C LYS A 133 -19.48 -2.53 27.74
N SER A 134 -19.08 -3.78 27.52
CA SER A 134 -19.10 -4.35 26.18
C SER A 134 -20.47 -4.22 25.53
N THR A 135 -20.46 -3.91 24.23
CA THR A 135 -21.66 -3.98 23.39
C THR A 135 -21.68 -5.22 22.51
N SER A 136 -20.54 -5.87 22.33
CA SER A 136 -20.38 -7.03 21.47
C SER A 136 -20.13 -8.28 22.29
N GLY A 137 -19.81 -9.38 21.61
CA GLY A 137 -19.62 -10.66 22.27
C GLY A 137 -18.18 -11.08 22.35
N GLY A 138 -17.50 -10.70 23.42
CA GLY A 138 -16.13 -11.13 23.65
C GLY A 138 -15.07 -10.29 22.97
N THR A 139 -15.26 -9.97 21.70
CA THR A 139 -14.28 -9.22 20.92
C THR A 139 -14.67 -7.74 20.90
N ALA A 140 -13.76 -6.89 21.36
CA ALA A 140 -13.94 -5.45 21.34
C ALA A 140 -13.05 -4.83 20.27
N ALA A 141 -13.47 -3.67 19.79
CA ALA A 141 -12.71 -2.94 18.77
C ALA A 141 -12.30 -1.59 19.33
N LEU A 142 -11.08 -1.19 18.99
CA LEU A 142 -10.57 0.11 19.38
C LEU A 142 -9.58 0.53 18.30
N GLY A 143 -9.22 1.81 18.31
CA GLY A 143 -8.27 2.29 17.32
C GLY A 143 -7.93 3.74 17.55
N CYS A 144 -7.25 4.32 16.57
CA CYS A 144 -6.87 5.73 16.55
CA CYS A 144 -7.03 5.75 16.59
C CYS A 144 -7.25 6.32 15.20
N LEU A 145 -7.78 7.54 15.22
CA LEU A 145 -8.11 8.30 14.02
C LEU A 145 -6.99 9.30 13.81
N VAL A 146 -6.33 9.22 12.66
CA VAL A 146 -5.19 10.06 12.32
C VAL A 146 -5.68 11.04 11.27
N LYS A 147 -5.80 12.31 11.62
CA LYS A 147 -6.59 13.24 10.83
C LYS A 147 -5.78 14.48 10.48
N ASP A 148 -6.00 14.98 9.26
CA ASP A 148 -5.55 16.31 8.85
C ASP A 148 -4.04 16.40 8.78
N TYR A 149 -3.43 15.55 7.98
CA TYR A 149 -1.99 15.59 7.75
C TYR A 149 -1.70 15.66 6.27
N PHE A 150 -0.48 16.07 5.94
CA PHE A 150 -0.04 16.18 4.57
C PHE A 150 1.47 16.31 4.54
N PRO A 151 2.16 15.67 3.59
CA PRO A 151 1.67 14.70 2.61
C PRO A 151 1.59 13.33 3.24
N GLU A 152 1.25 12.31 2.44
CA GLU A 152 1.47 10.95 2.87
C GLU A 152 2.96 10.68 2.96
N PRO A 153 3.37 9.61 3.66
CA PRO A 153 2.55 8.68 4.42
C PRO A 153 2.68 8.86 5.92
N VAL A 154 1.72 8.33 6.68
CA VAL A 154 1.93 8.02 8.09
C VAL A 154 2.02 6.50 8.19
N THR A 155 2.71 6.05 9.23
CA THR A 155 2.72 4.65 9.61
C THR A 155 2.12 4.53 11.00
N VAL A 156 1.45 3.41 11.26
CA VAL A 156 0.83 3.16 12.55
C VAL A 156 1.27 1.78 13.01
N SER A 157 1.70 1.69 14.26
CA SER A 157 1.91 0.42 14.94
C SER A 157 1.15 0.45 16.25
N TRP A 158 1.02 -0.71 16.87
CA TRP A 158 0.34 -0.86 18.14
C TRP A 158 1.31 -1.47 19.15
N ASN A 159 1.41 -0.85 20.31
CA ASN A 159 2.30 -1.33 21.37
C ASN A 159 3.70 -1.55 20.81
N SER A 160 4.19 -0.56 20.06
CA SER A 160 5.55 -0.55 19.51
C SER A 160 5.83 -1.77 18.65
N GLY A 161 4.79 -2.31 17.99
CA GLY A 161 4.95 -3.44 17.11
C GLY A 161 4.67 -4.79 17.75
N ALA A 162 4.48 -4.82 19.08
CA ALA A 162 4.17 -6.08 19.74
C ALA A 162 2.77 -6.57 19.41
N LEU A 163 1.85 -5.68 19.03
CA LEU A 163 0.47 -6.03 18.73
C LEU A 163 0.27 -5.92 17.22
N THR A 164 0.07 -7.06 16.56
CA THR A 164 -0.06 -7.08 15.11
C THR A 164 -1.29 -7.87 14.69
N SER A 165 -1.65 -8.87 15.50
CA SER A 165 -2.81 -9.71 15.17
C SER A 165 -4.09 -8.90 15.31
N GLY A 166 -4.90 -8.92 14.26
CA GLY A 166 -6.18 -8.24 14.28
C GLY A 166 -6.13 -6.76 13.98
N VAL A 167 -4.99 -6.26 13.52
CA VAL A 167 -4.82 -4.84 13.20
C VAL A 167 -5.24 -4.62 11.76
N HIS A 168 -6.06 -3.59 11.55
CA HIS A 168 -6.43 -3.12 10.22
C HIS A 168 -6.16 -1.62 10.17
N THR A 169 -5.15 -1.24 9.41
CA THR A 169 -4.86 0.17 9.16
C THR A 169 -5.35 0.49 7.75
N PHE A 170 -6.34 1.38 7.66
CA PHE A 170 -7.00 1.62 6.39
C PHE A 170 -6.19 2.55 5.49
N PRO A 171 -6.35 2.45 4.18
CA PRO A 171 -5.74 3.44 3.29
C PRO A 171 -6.19 4.84 3.65
N ALA A 172 -5.29 5.79 3.45
CA ALA A 172 -5.65 7.18 3.66
C ALA A 172 -6.64 7.63 2.60
N VAL A 173 -7.54 8.53 2.99
CA VAL A 173 -8.44 9.21 2.08
C VAL A 173 -8.12 10.69 2.10
N LEU A 174 -8.14 11.33 0.93
CA LEU A 174 -7.95 12.77 0.84
C LEU A 174 -9.28 13.45 1.15
N GLN A 175 -9.30 14.28 2.18
CA GLN A 175 -10.51 15.00 2.56
C GLN A 175 -10.72 16.23 1.68
N SER A 176 -11.95 16.75 1.70
CA SER A 176 -12.26 17.93 0.91
C SER A 176 -11.37 19.11 1.28
N SER A 177 -10.71 19.07 2.42
CA SER A 177 -9.78 20.11 2.83
C SER A 177 -8.42 20.01 2.17
N GLY A 178 -8.16 18.96 1.40
CA GLY A 178 -6.84 18.73 0.85
C GLY A 178 -5.88 18.04 1.80
N LEU A 179 -6.35 17.61 2.96
CA LEU A 179 -5.54 16.94 3.96
C LEU A 179 -6.00 15.50 4.09
N TYR A 180 -5.08 14.63 4.49
CA TYR A 180 -5.37 13.20 4.57
C TYR A 180 -5.94 12.84 5.93
N SER A 181 -6.67 11.73 5.95
CA SER A 181 -7.17 11.12 7.17
C SER A 181 -7.13 9.60 6.99
N LEU A 182 -6.86 8.90 8.09
CA LEU A 182 -7.02 7.45 8.09
C LEU A 182 -7.24 6.98 9.52
N SER A 183 -7.79 5.78 9.63
CA SER A 183 -7.98 5.12 10.92
C SER A 183 -7.19 3.82 10.93
N SER A 184 -6.70 3.48 12.12
CA SER A 184 -6.13 2.16 12.40
C SER A 184 -6.92 1.56 13.55
N VAL A 185 -7.36 0.31 13.38
CA VAL A 185 -8.20 -0.34 14.37
C VAL A 185 -7.62 -1.71 14.68
N VAL A 186 -7.96 -2.22 15.84
CA VAL A 186 -7.56 -3.56 16.26
C VAL A 186 -8.69 -4.16 17.07
N THR A 187 -8.98 -5.43 16.82
CA THR A 187 -9.94 -6.19 17.61
C THR A 187 -9.19 -6.96 18.68
N VAL A 188 -9.63 -6.83 19.92
CA VAL A 188 -9.02 -7.50 21.05
C VAL A 188 -10.11 -8.15 21.89
N PRO A 189 -9.76 -9.15 22.70
CA PRO A 189 -10.73 -9.67 23.67
C PRO A 189 -11.15 -8.59 24.64
N SER A 190 -12.46 -8.47 24.86
CA SER A 190 -12.99 -7.38 25.66
C SER A 190 -12.62 -7.48 27.13
N SER A 191 -12.28 -8.67 27.61
CA SER A 191 -11.89 -8.79 29.01
C SER A 191 -10.53 -8.15 29.29
N SER A 192 -9.71 -7.95 28.25
CA SER A 192 -8.38 -7.39 28.43
C SER A 192 -8.40 -5.87 28.51
N LEU A 193 -9.55 -5.21 28.37
CA LEU A 193 -9.58 -3.76 28.43
C LEU A 193 -9.18 -3.23 29.80
N GLY A 194 -9.37 -4.02 30.84
CA GLY A 194 -8.94 -3.61 32.16
C GLY A 194 -7.48 -3.93 32.44
N THR A 195 -6.97 -4.99 31.82
CA THR A 195 -5.60 -5.45 32.02
C THR A 195 -4.62 -4.73 31.09
N GLN A 196 -4.84 -4.82 29.79
CA GLN A 196 -3.82 -4.49 28.81
C GLN A 196 -3.89 -3.02 28.41
N THR A 197 -2.73 -2.37 28.38
CA THR A 197 -2.63 -1.03 27.82
C THR A 197 -2.48 -1.11 26.30
N TYR A 198 -3.22 -0.24 25.60
CA TYR A 198 -3.22 -0.21 24.15
C TYR A 198 -2.80 1.18 23.70
N ILE A 199 -1.67 1.25 22.98
CA ILE A 199 -1.10 2.50 22.52
C ILE A 199 -0.86 2.37 21.01
N CYS A 200 -1.34 3.36 20.26
CA CYS A 200 -1.06 3.41 18.83
C CYS A 200 0.10 4.36 18.60
N ASN A 201 1.08 3.92 17.82
CA ASN A 201 2.29 4.69 17.54
C ASN A 201 2.20 5.20 16.11
N VAL A 202 2.00 6.51 15.98
CA VAL A 202 1.79 7.15 14.68
C VAL A 202 3.05 7.92 14.36
N ASN A 203 3.65 7.64 13.21
CA ASN A 203 4.85 8.32 12.75
C ASN A 203 4.52 9.04 11.44
N HIS A 204 4.80 10.34 11.40
CA HIS A 204 4.64 11.13 10.19
C HIS A 204 6.01 11.73 9.89
N LYS A 205 6.87 10.96 9.23
CA LYS A 205 8.22 11.42 8.97
C LYS A 205 8.26 12.70 8.16
N PRO A 206 7.37 12.95 7.19
CA PRO A 206 7.44 14.21 6.44
C PRO A 206 7.44 15.46 7.33
N SER A 207 6.83 15.40 8.52
CA SER A 207 6.81 16.53 9.44
C SER A 207 7.70 16.29 10.66
N ASN A 208 8.48 15.21 10.66
CA ASN A 208 9.30 14.82 11.81
C ASN A 208 8.49 14.82 13.10
N THR A 209 7.30 14.22 13.04
CA THR A 209 6.37 14.14 14.16
C THR A 209 6.02 12.68 14.44
N LYS A 210 6.06 12.30 15.71
CA LYS A 210 5.57 10.99 16.16
C LYS A 210 4.57 11.23 17.28
N VAL A 211 3.46 10.49 17.25
CA VAL A 211 2.43 10.58 18.27
C VAL A 211 2.19 9.20 18.82
N ASP A 212 2.24 9.06 20.15
CA ASP A 212 1.82 7.86 20.85
C ASP A 212 0.56 8.19 21.64
N LYS A 213 -0.52 7.47 21.35
CA LYS A 213 -1.82 7.74 21.95
C LYS A 213 -2.25 6.49 22.71
N LYS A 214 -2.44 6.63 24.02
CA LYS A 214 -3.00 5.57 24.83
C LYS A 214 -4.51 5.59 24.67
N VAL A 215 -5.09 4.48 24.23
CA VAL A 215 -6.52 4.38 23.96
C VAL A 215 -7.18 3.68 25.14
N GLU A 216 -7.97 4.42 25.92
CA GLU A 216 -8.60 3.91 27.12
C GLU A 216 -10.11 3.76 26.92
N PRO A 217 -10.75 2.84 27.65
CA PRO A 217 -12.20 2.70 27.54
C PRO A 217 -12.95 3.99 27.84
N LYS A 218 -14.12 4.12 27.21
CA LYS A 218 -14.99 5.28 27.35
C LYS A 218 -14.23 6.59 27.49
N ASP B 1 9.73 1.48 -28.76
CA ASP B 1 9.32 1.23 -27.35
C ASP B 1 9.01 -0.25 -27.14
N ILE B 2 9.42 -0.77 -25.99
CA ILE B 2 9.29 -2.19 -25.65
C ILE B 2 8.10 -2.36 -24.72
N GLN B 3 7.31 -3.39 -24.96
CA GLN B 3 6.07 -3.60 -24.23
C GLN B 3 5.94 -5.05 -23.80
N MET B 4 5.39 -5.25 -22.61
CA MET B 4 5.05 -6.59 -22.11
C MET B 4 3.59 -6.57 -21.72
N THR B 5 2.82 -7.49 -22.28
CA THR B 5 1.38 -7.53 -22.14
C THR B 5 1.00 -8.76 -21.33
N GLN B 6 0.49 -8.53 -20.12
CA GLN B 6 0.03 -9.63 -19.28
C GLN B 6 -1.46 -9.84 -19.49
N SER B 7 -1.89 -11.09 -19.28
CA SER B 7 -3.29 -11.43 -19.34
C SER B 7 -3.54 -12.63 -18.45
N PRO B 8 -4.66 -12.65 -17.70
CA PRO B 8 -5.61 -11.54 -17.60
C PRO B 8 -5.04 -10.35 -16.82
N SER B 9 -5.74 -9.21 -16.86
CA SER B 9 -5.39 -8.09 -15.99
C SER B 9 -5.80 -8.36 -14.54
N SER B 10 -6.81 -9.21 -14.34
CA SER B 10 -7.19 -9.63 -13.00
C SER B 10 -7.95 -10.95 -13.13
N LEU B 11 -7.97 -11.69 -12.02
CA LEU B 11 -8.68 -12.96 -11.98
C LEU B 11 -9.09 -13.24 -10.54
N SER B 12 -10.15 -14.02 -10.40
CA SER B 12 -10.65 -14.48 -9.10
C SER B 12 -10.61 -15.99 -9.10
N ALA B 13 -9.96 -16.58 -8.11
CA ALA B 13 -9.80 -18.02 -8.03
C ALA B 13 -9.98 -18.48 -6.59
N SER B 14 -10.37 -19.75 -6.45
CA SER B 14 -10.58 -20.34 -5.14
C SER B 14 -9.31 -21.01 -4.64
N VAL B 15 -9.18 -21.10 -3.32
CA VAL B 15 -8.02 -21.76 -2.73
C VAL B 15 -7.93 -23.17 -3.29
N GLY B 16 -6.71 -23.61 -3.56
CA GLY B 16 -6.47 -24.90 -4.20
C GLY B 16 -6.53 -24.88 -5.70
N ASP B 17 -7.08 -23.82 -6.31
CA ASP B 17 -7.16 -23.75 -7.75
C ASP B 17 -5.79 -23.58 -8.39
N ARG B 18 -5.72 -23.87 -9.68
CA ARG B 18 -4.54 -23.68 -10.49
C ARG B 18 -4.68 -22.38 -11.27
N VAL B 19 -3.69 -21.50 -11.16
CA VAL B 19 -3.75 -20.17 -11.75
C VAL B 19 -2.65 -20.02 -12.79
N THR B 20 -2.99 -19.45 -13.94
CA THR B 20 -2.06 -19.24 -15.03
C THR B 20 -2.09 -17.78 -15.47
N ILE B 21 -0.91 -17.18 -15.55
CA ILE B 21 -0.77 -15.78 -15.99
C ILE B 21 0.24 -15.77 -17.12
N THR B 22 -0.15 -15.20 -18.26
CA THR B 22 0.72 -15.13 -19.43
C THR B 22 1.26 -13.71 -19.60
N CYS B 23 2.40 -13.64 -20.30
CA CYS B 23 3.12 -12.37 -20.49
C CYS B 23 3.78 -12.43 -21.86
N ARG B 24 3.35 -11.56 -22.77
CA ARG B 24 3.88 -11.52 -24.12
C ARG B 24 4.73 -10.26 -24.30
N ALA B 25 5.99 -10.46 -24.66
CA ALA B 25 6.92 -9.36 -24.89
C ALA B 25 6.85 -8.93 -26.35
N SER B 26 6.99 -7.62 -26.59
CA SER B 26 6.92 -7.11 -27.95
C SER B 26 8.15 -7.47 -28.77
N GLN B 27 9.26 -7.85 -28.12
CA GLN B 27 10.44 -8.33 -28.83
C GLN B 27 11.22 -9.26 -27.91
N SER B 28 12.24 -9.92 -28.47
CA SER B 28 13.00 -10.89 -27.70
C SER B 28 13.70 -10.23 -26.52
N VAL B 29 13.74 -10.96 -25.39
CA VAL B 29 14.44 -10.49 -24.20
C VAL B 29 15.92 -10.82 -24.33
N TRP B 30 16.73 -10.19 -23.47
CA TRP B 30 18.18 -10.39 -23.50
C TRP B 30 18.53 -11.87 -23.38
N ARG B 31 19.37 -12.35 -24.29
CA ARG B 31 19.82 -13.74 -24.29
C ARG B 31 18.66 -14.73 -24.27
N ASN B 32 17.47 -14.30 -24.69
CA ASN B 32 16.28 -15.15 -24.62
C ASN B 32 16.11 -15.75 -23.22
N LYS B 33 16.62 -15.03 -22.21
CA LYS B 33 16.68 -15.56 -20.85
C LYS B 33 16.18 -14.62 -19.76
N ASN B 34 16.37 -13.31 -19.91
CA ASN B 34 16.17 -12.39 -18.79
C ASN B 34 14.71 -11.98 -18.66
N VAL B 35 13.93 -12.86 -18.04
CA VAL B 35 12.57 -12.55 -17.60
C VAL B 35 12.43 -12.99 -16.15
N ALA B 36 11.81 -12.13 -15.34
CA ALA B 36 11.57 -12.43 -13.93
C ALA B 36 10.10 -12.17 -13.62
N TRP B 37 9.63 -12.80 -12.54
CA TRP B 37 8.28 -12.63 -12.06
C TRP B 37 8.32 -12.07 -10.64
N TYR B 38 7.54 -11.03 -10.39
CA TYR B 38 7.49 -10.35 -9.12
C TYR B 38 6.09 -10.43 -8.52
N GLN B 39 6.03 -10.50 -7.20
CA GLN B 39 4.80 -10.54 -6.42
C GLN B 39 4.76 -9.31 -5.53
N GLN B 40 3.65 -8.57 -5.57
CA GLN B 40 3.50 -7.39 -4.73
C GLN B 40 2.23 -7.52 -3.90
N LYS B 41 2.40 -7.56 -2.58
CA LYS B 41 1.30 -7.69 -1.64
C LYS B 41 0.92 -6.33 -1.07
N PRO B 42 -0.28 -6.22 -0.51
CA PRO B 42 -0.79 -4.89 -0.10
C PRO B 42 0.16 -4.10 0.78
N GLY B 43 0.54 -2.91 0.33
CA GLY B 43 1.39 -2.03 1.11
C GLY B 43 2.84 -2.45 1.18
N LYS B 44 3.28 -3.34 0.31
CA LYS B 44 4.65 -3.86 0.34
C LYS B 44 5.36 -3.55 -0.97
N ALA B 45 6.68 -3.59 -0.92
CA ALA B 45 7.46 -3.48 -2.13
C ALA B 45 7.40 -4.81 -2.90
N PRO B 46 7.60 -4.76 -4.22
CA PRO B 46 7.59 -6.02 -4.99
C PRO B 46 8.68 -6.97 -4.53
N LYS B 47 8.36 -8.27 -4.56
CA LYS B 47 9.27 -9.34 -4.17
C LYS B 47 9.44 -10.29 -5.35
N ARG B 48 10.70 -10.56 -5.70
CA ARG B 48 10.97 -11.42 -6.85
C ARG B 48 10.72 -12.88 -6.51
N LEU B 49 9.96 -13.57 -7.36
CA LEU B 49 9.72 -14.99 -7.20
C LEU B 49 10.54 -15.86 -8.15
N ILE B 50 10.63 -15.45 -9.41
CA ILE B 50 11.29 -16.24 -10.45
C ILE B 50 12.29 -15.34 -11.16
N TYR B 51 13.35 -15.96 -11.67
CA TYR B 51 14.30 -15.27 -12.53
C TYR B 51 14.75 -16.24 -13.62
N ALA B 52 15.31 -15.68 -14.69
CA ALA B 52 15.76 -16.48 -15.82
C ALA B 52 14.66 -17.38 -16.34
N ILE B 53 13.44 -16.83 -16.41
CA ILE B 53 12.25 -17.48 -16.92
C ILE B 53 11.71 -18.52 -15.96
N ALA B 54 12.58 -19.40 -15.43
CA ALA B 54 12.09 -20.57 -14.71
C ALA B 54 12.87 -20.91 -13.45
N SER B 55 13.82 -20.07 -13.03
CA SER B 55 14.59 -20.35 -11.83
C SER B 55 13.84 -19.84 -10.61
N LEU B 56 13.43 -20.76 -9.74
CA LEU B 56 12.75 -20.41 -8.50
C LEU B 56 13.78 -19.97 -7.46
N TYR B 57 13.69 -18.72 -7.03
CA TYR B 57 14.59 -18.22 -6.00
C TYR B 57 14.35 -18.95 -4.68
N SER B 58 15.43 -19.14 -3.92
CA SER B 58 15.35 -19.92 -2.69
C SER B 58 14.38 -19.30 -1.70
N GLY B 59 13.66 -20.16 -0.99
CA GLY B 59 12.68 -19.74 -0.02
C GLY B 59 11.29 -19.54 -0.58
N VAL B 60 11.17 -19.38 -1.89
CA VAL B 60 9.85 -19.18 -2.52
C VAL B 60 9.13 -20.52 -2.58
N PRO B 61 7.84 -20.58 -2.23
CA PRO B 61 7.12 -21.85 -2.31
C PRO B 61 7.15 -22.42 -3.73
N SER B 62 7.29 -23.74 -3.81
CA SER B 62 7.44 -24.40 -5.10
C SER B 62 6.16 -24.41 -5.91
N ARG B 63 5.02 -24.01 -5.33
CA ARG B 63 3.80 -23.91 -6.12
C ARG B 63 3.89 -22.84 -7.19
N PHE B 64 4.87 -21.92 -7.09
CA PHE B 64 5.13 -20.94 -8.14
C PHE B 64 6.14 -21.50 -9.14
N SER B 65 5.78 -21.46 -10.42
CA SER B 65 6.66 -21.95 -11.47
C SER B 65 6.59 -21.04 -12.69
N GLY B 66 7.74 -20.81 -13.31
CA GLY B 66 7.83 -20.01 -14.51
C GLY B 66 8.20 -20.86 -15.72
N SER B 67 7.68 -20.48 -16.88
CA SER B 67 7.96 -21.21 -18.11
C SER B 67 7.79 -20.25 -19.28
N GLY B 68 8.02 -20.77 -20.48
CA GLY B 68 7.87 -20.01 -21.70
C GLY B 68 9.15 -19.96 -22.50
N SER B 69 9.08 -19.28 -23.64
CA SER B 69 10.19 -19.17 -24.56
C SER B 69 9.89 -18.09 -25.58
N GLY B 70 10.94 -17.57 -26.20
CA GLY B 70 10.79 -16.55 -27.22
C GLY B 70 10.24 -15.26 -26.67
N THR B 71 8.97 -14.98 -26.97
CA THR B 71 8.31 -13.79 -26.44
C THR B 71 7.01 -14.15 -25.71
N ASP B 72 6.85 -15.40 -25.30
CA ASP B 72 5.66 -15.86 -24.60
C ASP B 72 6.08 -16.52 -23.30
N PHE B 73 5.66 -15.94 -22.17
CA PHE B 73 6.07 -16.39 -20.85
C PHE B 73 4.84 -16.59 -19.98
N THR B 74 4.99 -17.47 -18.98
CA THR B 74 3.87 -17.89 -18.16
C THR B 74 4.32 -18.08 -16.73
N LEU B 75 3.51 -17.58 -15.81
CA LEU B 75 3.61 -17.85 -14.38
C LEU B 75 2.46 -18.78 -13.99
N THR B 76 2.78 -19.83 -13.25
CA THR B 76 1.76 -20.79 -12.82
C THR B 76 1.83 -20.95 -11.30
N ILE B 77 0.66 -20.85 -10.66
CA ILE B 77 0.49 -21.16 -9.26
C ILE B 77 -0.31 -22.47 -9.22
N SER B 78 0.34 -23.55 -8.80
CA SER B 78 -0.29 -24.86 -8.91
C SER B 78 -1.50 -24.98 -8.00
N SER B 79 -1.37 -24.53 -6.75
CA SER B 79 -2.43 -24.66 -5.75
C SER B 79 -2.51 -23.34 -4.98
N LEU B 80 -3.47 -22.50 -5.35
CA LEU B 80 -3.56 -21.15 -4.80
C LEU B 80 -3.83 -21.17 -3.30
N GLN B 81 -3.08 -20.37 -2.56
CA GLN B 81 -3.26 -20.23 -1.12
C GLN B 81 -3.70 -18.80 -0.77
N PRO B 82 -4.40 -18.62 0.35
CA PRO B 82 -4.90 -17.26 0.67
C PRO B 82 -3.80 -16.21 0.73
N GLU B 83 -2.61 -16.59 1.19
CA GLU B 83 -1.51 -15.64 1.27
C GLU B 83 -0.96 -15.26 -0.10
N ASP B 84 -1.44 -15.88 -1.17
CA ASP B 84 -0.98 -15.55 -2.52
C ASP B 84 -1.71 -14.36 -3.12
N PHE B 85 -2.70 -13.80 -2.41
CA PHE B 85 -3.32 -12.57 -2.86
C PHE B 85 -2.24 -11.52 -3.08
N ALA B 86 -2.21 -10.95 -4.28
CA ALA B 86 -1.17 -10.00 -4.64
C ALA B 86 -1.39 -9.60 -6.09
N THR B 87 -0.62 -8.61 -6.54
CA THR B 87 -0.50 -8.26 -7.93
C THR B 87 0.83 -8.82 -8.43
N TYR B 88 0.79 -9.51 -9.56
CA TYR B 88 1.96 -10.20 -10.12
C TYR B 88 2.39 -9.49 -11.40
N TYR B 89 3.70 -9.24 -11.52
CA TYR B 89 4.29 -8.53 -12.65
C TYR B 89 5.37 -9.36 -13.29
N CYS B 90 5.37 -9.45 -14.62
CA CYS B 90 6.55 -9.89 -15.36
C CYS B 90 7.41 -8.68 -15.66
N VAL B 91 8.72 -8.91 -15.76
CA VAL B 91 9.68 -7.87 -16.09
C VAL B 91 10.76 -8.49 -16.96
N GLY B 92 11.02 -7.86 -18.10
CA GLY B 92 12.02 -8.34 -19.03
C GLY B 92 13.16 -7.35 -19.17
N HIS B 93 14.32 -7.86 -19.59
CA HIS B 93 15.50 -7.05 -19.88
C HIS B 93 15.78 -7.15 -21.37
N TYR B 94 16.14 -6.03 -21.98
CA TYR B 94 16.27 -5.94 -23.42
C TYR B 94 17.48 -5.10 -23.79
N GLY B 95 18.00 -5.33 -25.00
CA GLY B 95 18.93 -4.41 -25.59
C GLY B 95 20.03 -5.13 -26.33
N SER B 96 21.15 -4.41 -26.48
CA SER B 96 22.34 -4.91 -27.16
C SER B 96 23.56 -4.64 -26.31
N GLU B 97 24.76 -4.78 -26.89
CA GLU B 97 25.97 -4.52 -26.12
C GLU B 97 26.13 -3.04 -25.78
N ASN B 98 25.41 -2.15 -26.48
CA ASN B 98 25.51 -0.71 -26.25
C ASN B 98 24.14 -0.08 -25.99
N ASP B 99 23.19 -0.88 -25.49
CA ASP B 99 21.86 -0.39 -25.14
C ASP B 99 21.22 -1.38 -24.18
N ALA B 100 20.57 -0.85 -23.14
CA ALA B 100 19.96 -1.69 -22.12
C ALA B 100 18.64 -1.09 -21.70
N TYR B 101 17.60 -1.93 -21.66
CA TYR B 101 16.26 -1.48 -21.30
C TYR B 101 15.60 -2.54 -20.42
N TYR B 102 14.61 -2.10 -19.65
CA TYR B 102 13.72 -3.00 -18.93
C TYR B 102 12.28 -2.56 -19.17
N ALA B 103 11.36 -3.51 -19.06
CA ALA B 103 9.94 -3.21 -19.15
C ALA B 103 9.16 -4.10 -18.19
N PHE B 104 8.16 -3.52 -17.53
CA PHE B 104 7.24 -4.27 -16.69
C PHE B 104 5.95 -4.53 -17.48
N GLY B 105 5.41 -5.73 -17.33
CA GLY B 105 4.02 -5.96 -17.68
C GLY B 105 3.12 -5.09 -16.81
N GLN B 106 1.86 -4.98 -17.22
CA GLN B 106 0.95 -4.08 -16.51
C GLN B 106 0.49 -4.63 -15.16
N GLY B 107 0.73 -5.90 -14.89
CA GLY B 107 0.34 -6.49 -13.63
C GLY B 107 -0.95 -7.29 -13.75
N THR B 108 -1.05 -8.34 -12.92
CA THR B 108 -2.23 -9.19 -12.85
C THR B 108 -2.66 -9.27 -11.41
N LYS B 109 -3.86 -8.77 -11.09
CA LYS B 109 -4.38 -8.84 -9.73
C LYS B 109 -5.02 -10.21 -9.50
N VAL B 110 -4.54 -10.93 -8.50
CA VAL B 110 -5.08 -12.24 -8.15
C VAL B 110 -5.91 -12.09 -6.88
N GLU B 111 -7.21 -12.28 -7.01
CA GLU B 111 -8.17 -12.22 -5.91
C GLU B 111 -8.56 -13.63 -5.49
N ILE B 112 -8.84 -13.80 -4.20
CA ILE B 112 -9.19 -15.09 -3.61
C ILE B 112 -10.69 -15.16 -3.46
N LYS B 113 -11.33 -16.09 -4.17
CA LYS B 113 -12.73 -16.38 -3.94
C LYS B 113 -12.87 -17.13 -2.62
N ARG B 114 -13.93 -16.81 -1.88
CA ARG B 114 -14.21 -17.54 -0.65
C ARG B 114 -15.69 -17.42 -0.33
N THR B 115 -16.08 -18.06 0.76
CA THR B 115 -17.46 -18.06 1.20
C THR B 115 -17.85 -16.67 1.71
N VAL B 116 -19.15 -16.40 1.66
CA VAL B 116 -19.67 -15.13 2.16
C VAL B 116 -19.50 -15.08 3.68
N ALA B 117 -19.14 -13.91 4.18
CA ALA B 117 -18.97 -13.71 5.61
C ALA B 117 -19.55 -12.36 5.98
N ALA B 118 -20.37 -12.33 7.03
CA ALA B 118 -20.99 -11.08 7.45
C ALA B 118 -20.03 -10.26 8.31
N PRO B 119 -20.07 -8.94 8.20
CA PRO B 119 -19.16 -8.11 8.98
C PRO B 119 -19.59 -8.00 10.44
N SER B 120 -18.58 -7.93 11.30
CA SER B 120 -18.79 -7.46 12.66
C SER B 120 -18.77 -5.93 12.63
N VAL B 121 -19.83 -5.30 13.12
CA VAL B 121 -20.03 -3.86 12.98
C VAL B 121 -19.79 -3.20 14.34
N PHE B 122 -19.00 -2.14 14.33
CA PHE B 122 -18.74 -1.32 15.50
C PHE B 122 -18.92 0.14 15.11
N ILE B 123 -19.49 0.94 16.03
CA ILE B 123 -19.65 2.37 15.84
C ILE B 123 -18.91 3.10 16.96
N PHE B 124 -18.22 4.17 16.60
CA PHE B 124 -17.42 4.96 17.54
C PHE B 124 -17.90 6.40 17.54
N PRO B 125 -18.31 6.96 18.68
CA PRO B 125 -18.61 8.39 18.73
C PRO B 125 -17.34 9.21 18.62
N PRO B 126 -17.44 10.49 18.29
CA PRO B 126 -16.26 11.36 18.34
C PRO B 126 -15.70 11.45 19.75
N SER B 127 -14.38 11.57 19.83
CA SER B 127 -13.73 11.75 21.12
C SER B 127 -13.97 13.16 21.66
N ASP B 128 -13.97 13.28 22.99
CA ASP B 128 -14.06 14.61 23.59
C ASP B 128 -12.88 15.47 23.16
N GLU B 129 -11.70 14.88 22.99
CA GLU B 129 -10.56 15.64 22.52
C GLU B 129 -10.86 16.32 21.19
N GLN B 130 -11.39 15.57 20.22
CA GLN B 130 -11.66 16.14 18.90
C GLN B 130 -12.74 17.22 18.98
N LEU B 131 -13.76 17.01 19.81
CA LEU B 131 -14.85 17.99 19.85
C LEU B 131 -14.34 19.37 20.24
N LYS B 132 -13.34 19.44 21.10
CA LYS B 132 -12.76 20.74 21.44
C LYS B 132 -12.24 21.48 20.22
N SER B 133 -12.03 20.78 19.11
CA SER B 133 -11.50 21.38 17.89
CA SER B 133 -11.51 21.40 17.89
C SER B 133 -12.60 21.92 16.97
N GLY B 134 -13.87 21.71 17.31
CA GLY B 134 -14.97 22.18 16.49
C GLY B 134 -15.43 21.23 15.40
N THR B 135 -14.80 20.06 15.26
CA THR B 135 -15.19 19.05 14.28
C THR B 135 -15.46 17.73 15.00
N ALA B 136 -16.40 16.95 14.45
CA ALA B 136 -16.80 15.68 15.02
C ALA B 136 -16.74 14.61 13.95
N SER B 137 -15.98 13.56 14.19
CA SER B 137 -15.88 12.42 13.30
C SER B 137 -16.55 11.21 13.94
N VAL B 138 -17.55 10.65 13.27
CA VAL B 138 -18.23 9.44 13.70
C VAL B 138 -17.77 8.32 12.78
N VAL B 139 -17.32 7.21 13.36
CA VAL B 139 -16.66 6.15 12.61
C VAL B 139 -17.45 4.86 12.75
N CYS B 140 -17.71 4.21 11.61
CA CYS B 140 -18.36 2.92 11.54
C CYS B 140 -17.37 1.91 10.96
N LEU B 141 -17.15 0.82 11.69
CA LEU B 141 -16.20 -0.22 11.29
C LEU B 141 -16.95 -1.47 10.90
N LEU B 142 -16.66 -1.97 9.69
CA LEU B 142 -17.13 -3.27 9.22
C LEU B 142 -15.91 -4.18 9.16
N ASN B 143 -15.84 -5.16 10.04
CA ASN B 143 -14.63 -5.95 10.20
C ASN B 143 -14.81 -7.35 9.61
N ASN B 144 -13.92 -7.71 8.68
CA ASN B 144 -13.71 -9.08 8.25
C ASN B 144 -14.97 -9.68 7.60
N PHE B 145 -15.29 -9.15 6.41
CA PHE B 145 -16.45 -9.61 5.67
C PHE B 145 -16.06 -9.94 4.23
N TYR B 146 -16.99 -10.62 3.54
CA TYR B 146 -16.80 -10.99 2.15
C TYR B 146 -18.18 -11.21 1.56
N PRO B 147 -18.44 -10.79 0.31
CA PRO B 147 -17.54 -10.13 -0.62
C PRO B 147 -17.34 -8.66 -0.30
N ARG B 148 -16.72 -7.92 -1.21
CA ARG B 148 -16.35 -6.54 -0.93
C ARG B 148 -17.56 -5.60 -0.94
N GLU B 149 -18.61 -5.94 -1.68
CA GLU B 149 -19.73 -5.03 -1.83
C GLU B 149 -20.55 -4.96 -0.55
N ALA B 150 -20.69 -3.75 0.00
CA ALA B 150 -21.53 -3.52 1.17
C ALA B 150 -22.03 -2.09 1.10
N LYS B 151 -23.28 -1.90 1.51
CA LYS B 151 -23.93 -0.59 1.51
C LYS B 151 -23.97 -0.07 2.94
N VAL B 152 -23.34 1.07 3.18
CA VAL B 152 -23.31 1.70 4.49
C VAL B 152 -24.10 3.00 4.41
N SER B 153 -25.05 3.16 5.32
CA SER B 153 -25.89 4.35 5.37
C SER B 153 -25.85 4.92 6.78
N TRP B 154 -25.74 6.25 6.86
CA TRP B 154 -25.70 6.96 8.12
C TRP B 154 -27.05 7.62 8.41
N TYR B 155 -27.48 7.54 9.66
CA TYR B 155 -28.70 8.21 10.11
C TYR B 155 -28.41 9.04 11.35
N VAL B 156 -28.91 10.26 11.37
CA VAL B 156 -28.80 11.14 12.53
C VAL B 156 -30.22 11.53 12.92
N ASP B 157 -30.65 11.09 14.10
CA ASP B 157 -32.04 11.25 14.53
C ASP B 157 -32.99 10.80 13.42
N ASN B 158 -32.67 9.64 12.82
CA ASN B 158 -33.45 8.95 11.80
C ASN B 158 -33.42 9.65 10.45
N ALA B 159 -32.64 10.71 10.30
CA ALA B 159 -32.49 11.40 9.03
C ALA B 159 -31.34 10.79 8.26
N LEU B 160 -31.63 10.21 7.09
CA LEU B 160 -30.58 9.64 6.25
C LEU B 160 -29.61 10.72 5.81
N GLN B 161 -28.32 10.44 5.94
CA GLN B 161 -27.29 11.39 5.58
C GLN B 161 -26.80 11.16 4.17
N SER B 162 -26.39 12.24 3.51
CA SER B 162 -25.92 12.19 2.13
C SER B 162 -24.79 13.19 1.95
N GLY B 163 -23.68 12.72 1.37
CA GLY B 163 -22.61 13.61 0.97
C GLY B 163 -21.64 14.01 2.04
N ASN B 164 -21.77 13.50 3.27
CA ASN B 164 -20.89 13.89 4.36
C ASN B 164 -20.17 12.69 4.97
N SER B 165 -19.96 11.63 4.18
CA SER B 165 -19.18 10.48 4.65
C SER B 165 -18.20 10.05 3.58
N GLN B 166 -17.12 9.41 4.04
CA GLN B 166 -16.10 8.84 3.17
C GLN B 166 -15.75 7.44 3.66
N GLU B 167 -15.50 6.53 2.72
CA GLU B 167 -15.21 5.14 3.02
C GLU B 167 -13.79 4.80 2.61
N SER B 168 -13.21 3.84 3.33
CA SER B 168 -11.93 3.25 2.99
C SER B 168 -12.00 1.75 3.25
N VAL B 169 -11.31 0.98 2.41
CA VAL B 169 -11.42 -0.47 2.44
C VAL B 169 -10.02 -1.07 2.40
N THR B 170 -9.76 -2.03 3.27
CA THR B 170 -8.52 -2.77 3.20
C THR B 170 -8.57 -3.74 2.01
N GLU B 171 -7.40 -4.27 1.66
CA GLU B 171 -7.36 -5.31 0.65
C GLU B 171 -7.55 -6.67 1.33
N GLN B 172 -7.76 -7.70 0.51
CA GLN B 172 -8.03 -9.02 1.06
C GLN B 172 -6.96 -9.40 2.07
N ASP B 173 -7.40 -9.81 3.25
CA ASP B 173 -6.49 -10.28 4.29
C ASP B 173 -5.75 -11.53 3.83
N SER B 174 -4.44 -11.58 4.09
CA SER B 174 -3.62 -12.69 3.62
C SER B 174 -3.96 -14.02 4.28
N LYS B 175 -4.72 -14.01 5.37
CA LYS B 175 -5.00 -15.23 6.12
C LYS B 175 -6.41 -15.76 5.89
N ASP B 176 -7.43 -14.92 6.04
CA ASP B 176 -8.82 -15.36 5.86
C ASP B 176 -9.47 -14.77 4.61
N SER B 177 -8.75 -13.97 3.84
CA SER B 177 -9.24 -13.45 2.56
C SER B 177 -10.42 -12.49 2.71
N THR B 178 -10.66 -11.97 3.90
CA THR B 178 -11.76 -11.03 4.09
C THR B 178 -11.29 -9.59 3.86
N TYR B 179 -12.28 -8.71 3.77
CA TYR B 179 -12.07 -7.27 3.74
C TYR B 179 -12.54 -6.64 5.05
N SER B 180 -12.07 -5.42 5.30
CA SER B 180 -12.61 -4.56 6.33
C SER B 180 -12.80 -3.18 5.74
N LEU B 181 -13.73 -2.43 6.32
CA LEU B 181 -14.14 -1.14 5.75
C LEU B 181 -14.43 -0.18 6.89
N SER B 182 -14.04 1.08 6.70
CA SER B 182 -14.38 2.17 7.60
C SER B 182 -15.22 3.18 6.84
N SER B 183 -16.26 3.67 7.50
CA SER B 183 -17.02 4.82 7.01
C SER B 183 -16.96 5.90 8.07
N THR B 184 -16.55 7.09 7.68
CA THR B 184 -16.39 8.22 8.59
C THR B 184 -17.39 9.30 8.22
N LEU B 185 -18.26 9.65 9.16
CA LEU B 185 -19.20 10.74 9.03
C LEU B 185 -18.60 11.97 9.70
N THR B 186 -18.49 13.06 8.94
CA THR B 186 -17.90 14.29 9.45
C THR B 186 -18.97 15.35 9.61
N LEU B 187 -19.12 15.84 10.85
CA LEU B 187 -20.04 16.92 11.18
C LEU B 187 -19.29 18.00 11.93
N SER B 188 -19.82 19.22 11.91
CA SER B 188 -19.31 20.24 12.81
C SER B 188 -19.68 19.86 14.23
N LYS B 189 -18.89 20.36 15.19
CA LYS B 189 -19.25 20.14 16.60
C LYS B 189 -20.66 20.64 16.87
N ALA B 190 -20.97 21.85 16.39
CA ALA B 190 -22.28 22.44 16.61
C ALA B 190 -23.39 21.52 16.12
N ASP B 191 -23.23 20.98 14.91
CA ASP B 191 -24.26 20.08 14.39
C ASP B 191 -24.31 18.79 15.21
N TYR B 192 -23.15 18.24 15.56
CA TYR B 192 -23.14 16.99 16.33
C TYR B 192 -23.88 17.14 17.65
N GLU B 193 -23.73 18.29 18.31
CA GLU B 193 -24.36 18.52 19.60
C GLU B 193 -25.85 18.80 19.51
N LYS B 194 -26.37 19.02 18.30
CA LYS B 194 -27.79 19.30 18.11
C LYS B 194 -28.63 18.03 17.96
N HIS B 195 -28.01 16.86 17.94
CA HIS B 195 -28.72 15.61 17.68
C HIS B 195 -28.32 14.58 18.73
N LYS B 196 -29.15 13.53 18.82
CA LYS B 196 -29.01 12.55 19.87
C LYS B 196 -28.59 11.17 19.37
N VAL B 197 -29.27 10.62 18.38
CA VAL B 197 -29.08 9.23 17.98
C VAL B 197 -28.28 9.18 16.70
N TYR B 198 -27.15 8.49 16.74
CA TYR B 198 -26.30 8.26 15.59
C TYR B 198 -26.28 6.78 15.28
N ALA B 199 -26.43 6.44 14.01
CA ALA B 199 -26.58 5.05 13.61
C ALA B 199 -25.96 4.83 12.24
N CYS B 200 -25.25 3.72 12.10
CA CYS B 200 -24.69 3.27 10.83
CA CYS B 200 -24.73 3.30 10.81
C CYS B 200 -25.35 1.95 10.47
N GLU B 201 -25.95 1.89 9.29
CA GLU B 201 -26.64 0.70 8.79
C GLU B 201 -25.83 0.06 7.68
N VAL B 202 -25.59 -1.24 7.81
CA VAL B 202 -24.78 -1.99 6.86
C VAL B 202 -25.68 -3.05 6.23
N THR B 203 -25.84 -2.98 4.92
CA THR B 203 -26.67 -3.92 4.17
C THR B 203 -25.76 -4.82 3.32
N GLN B 204 -25.90 -6.12 3.52
CA GLN B 204 -25.21 -7.13 2.71
C GLN B 204 -26.25 -8.18 2.35
N GLY B 205 -26.60 -8.25 1.07
CA GLY B 205 -27.53 -9.27 0.62
C GLY B 205 -28.89 -9.11 1.25
N THR B 206 -29.33 -10.13 1.98
CA THR B 206 -30.66 -10.17 2.57
C THR B 206 -30.68 -9.68 4.02
N THR B 207 -29.59 -9.05 4.48
CA THR B 207 -29.46 -8.67 5.87
C THR B 207 -28.99 -7.23 5.98
N SER B 208 -29.66 -6.47 6.83
CA SER B 208 -29.22 -5.13 7.24
C SER B 208 -28.99 -5.15 8.73
N VAL B 209 -27.82 -4.65 9.15
CA VAL B 209 -27.45 -4.53 10.56
C VAL B 209 -27.24 -3.05 10.85
N THR B 210 -27.89 -2.54 11.90
CA THR B 210 -27.77 -1.15 12.31
C THR B 210 -27.18 -1.11 13.72
N LYS B 211 -26.05 -0.42 13.86
CA LYS B 211 -25.44 -0.13 15.15
C LYS B 211 -25.63 1.35 15.45
N SER B 212 -25.96 1.68 16.69
CA SER B 212 -26.26 3.06 17.05
C SER B 212 -25.70 3.38 18.43
N PHE B 213 -25.59 4.67 18.71
CA PHE B 213 -25.34 5.16 20.06
C PHE B 213 -26.15 6.43 20.27
N ASN B 214 -26.34 6.78 21.54
CA ASN B 214 -26.98 8.02 21.93
C ASN B 214 -25.90 8.96 22.47
N ARG B 215 -25.81 10.15 21.89
CA ARG B 215 -24.82 11.12 22.35
C ARG B 215 -24.96 11.35 23.84
N GLY B 216 -23.87 11.16 24.58
CA GLY B 216 -23.84 11.40 26.01
C GLY B 216 -23.94 10.16 26.87
N GLU B 217 -24.01 8.97 26.27
CA GLU B 217 -24.19 7.73 27.02
C GLU B 217 -23.24 6.68 26.48
N CYS B 218 -22.43 6.10 27.36
CA CYS B 218 -21.46 5.09 26.98
C CYS B 218 -21.50 3.89 27.94
N ALA C 3 27.62 -11.94 -21.23
CA ALA C 3 27.31 -10.87 -20.28
C ALA C 3 25.94 -11.08 -19.66
N GLY C 4 25.81 -10.81 -18.37
CA GLY C 4 24.56 -11.02 -17.67
C GLY C 4 23.54 -9.95 -17.98
O3 UKD C 5 19.82 -9.94 -13.77
O4 UKD C 5 18.65 -7.94 -14.64
P UKD C 5 19.89 -8.44 -13.95
O1 UKD C 5 20.08 -7.78 -12.61
CE2 UKD C 5 21.30 -8.05 -14.99
NE1 UKD C 5 22.55 -8.42 -14.66
ND1 UKD C 5 23.32 -7.92 -15.72
CD2 UKD C 5 21.17 -7.34 -16.16
NG UKD C 5 22.43 -7.27 -16.60
CB UKD C 5 23.04 -6.68 -17.78
CA UKD C 5 23.10 -7.73 -18.90
N UKD C 5 24.01 -8.84 -18.53
C UKD C 5 23.56 -7.10 -20.19
O UKD C 5 24.71 -7.20 -20.57
N ALA C 6 22.62 -6.45 -20.86
CA ALA C 6 22.92 -5.62 -22.01
C ALA C 6 23.73 -4.39 -21.57
N GLY C 7 24.12 -3.57 -22.55
CA GLY C 7 24.81 -2.34 -22.27
C GLY C 7 26.27 -2.46 -21.88
N ALA C 8 26.81 -3.67 -21.87
CA ALA C 8 28.22 -3.88 -21.52
C ALA C 8 29.08 -4.01 -22.77
C1 EDO D . 6.82 1.24 -0.20
O1 EDO D . 5.60 0.68 -0.74
C2 EDO D . 6.51 2.52 0.55
O2 EDO D . 7.63 2.91 1.36
H11 EDO D . 7.29 0.52 0.47
H12 EDO D . 7.52 1.44 -1.02
HO1 EDO D . 5.80 -0.12 -1.22
H21 EDO D . 6.28 3.32 -0.17
H22 EDO D . 5.63 2.38 1.18
HO2 EDO D . 7.42 3.73 1.83
C1 EDO E . -32.85 2.38 10.37
O1 EDO E . -32.09 1.18 10.15
C2 EDO E . -32.06 3.32 11.28
O2 EDO E . -32.80 4.51 11.52
H11 EDO E . -33.06 2.88 9.42
H12 EDO E . -33.81 2.15 10.83
HO1 EDO E . -32.61 0.58 9.59
H21 EDO E . -31.10 3.56 10.81
H22 EDO E . -31.84 2.82 12.23
HO2 EDO E . -32.27 5.14 12.03
#